data_5TQB
#
_entry.id   5TQB
#
_cell.length_a   121.000
_cell.length_b   127.900
_cell.length_c   42.700
_cell.angle_alpha   90.00
_cell.angle_beta   90.00
_cell.angle_gamma   90.00
#
_symmetry.space_group_name_H-M   'P 21 21 2'
#
loop_
_entity.id
_entity.type
_entity.pdbx_description
1 polymer '60S ribosomal protein L4-like protein'
2 polymer 'Assembly chaperone of ribosomal protein L4 (Acl4)'
3 non-polymer 1,2-ETHANEDIOL
4 non-polymer DI(HYDROXYETHYL)ETHER
5 water water
#
loop_
_entity_poly.entity_id
_entity_poly.type
_entity_poly.pdbx_seq_one_letter_code
_entity_poly.pdbx_strand_id
1 'polypeptide(L)'
;(MSE)ASRPTVTVFGADGKPTGATEVLPKVFSAPIRPDIVKHVHTG(MSE)AKNKRQPYAVSEKAGHQTSAESWGTGRAV
ARIPRVSGGGTHRAGQGAFGN(MSE)CRSGR(MSE)FAPTKIWRKWHVKINQGQKRFATASALAASAVAPLL(MSE)ARG
HQVSTVPEVPLVVDSAAVAGDAVAKTAAAYKLLKAIGAGPDVEKVKKSKKLRAGKGK(MSE)RGRRHRQRRGPLIVYSPE
HDGKELVKGFRNIPGVETCPVDALNLLQLAPGGHLGRFIVWTSAAIKQLDAVYESKKGFFL
;
A
2 'polypeptide(L)'
;SINPKELLDRATTLLEEGDIETAAKVARTAYEHIGENGRHAGAALTLLGQIHVELGDIDAARNYYAAAVKVDEDGSLPEE
LGGGPEKFLWLAQLSEEGGHDSVAWFERGATVLRAQIQSL(MSE)DSLEQRPLSRGQVEAAIADKRRRLAETLCAVVEVY
(MSE)TDLSWEDDAEQRCEALITEAT(MSE)IAPEWPETWQTVANVRISQERTEEAREALRRSLGLWTHLPPEDPGVPPF
PSRVSLVRLLIEVD(MSE)EEEALEVTERLIAEDDLSVEVWYLGGYARYRLGEKEREASGQASEPEAWKDTWRSSRKWLR
QCLKVFEAEEYEDERLGEHAKELIASIIGEL
;
B
#
# COMPACT_ATOMS: atom_id res chain seq x y z
N ARG A 4 19.80 12.46 29.55
CA ARG A 4 19.49 13.11 28.29
C ARG A 4 20.47 12.67 27.19
N PRO A 5 20.02 11.79 26.28
CA PRO A 5 20.91 11.37 25.19
C PRO A 5 21.11 12.47 24.15
N THR A 6 22.35 12.68 23.72
CA THR A 6 22.67 13.72 22.75
C THR A 6 23.56 13.21 21.60
N VAL A 7 23.41 13.84 20.44
CA VAL A 7 24.18 13.48 19.25
C VAL A 7 25.07 14.64 18.87
N THR A 8 26.32 14.34 18.51
CA THR A 8 27.27 15.39 18.15
C THR A 8 27.06 15.85 16.72
N VAL A 9 27.28 17.15 16.49
CA VAL A 9 27.16 17.74 15.16
C VAL A 9 28.55 17.98 14.58
N PHE A 10 28.68 17.70 13.28
CA PHE A 10 29.96 17.80 12.60
C PHE A 10 29.96 18.99 11.63
N GLY A 11 31.12 19.58 11.42
CA GLY A 11 31.26 20.71 10.52
C GLY A 11 31.62 20.23 9.12
N ALA A 12 31.84 21.18 8.22
CA ALA A 12 32.19 20.87 6.84
C ALA A 12 33.54 20.15 6.77
N ASP A 13 34.44 20.53 7.68
CA ASP A 13 35.78 19.94 7.74
C ASP A 13 35.72 18.44 7.99
N GLY A 14 34.70 17.99 8.71
CA GLY A 14 34.51 16.58 9.02
C GLY A 14 34.71 16.28 10.49
N LYS A 15 35.16 17.27 11.26
CA LYS A 15 35.39 17.10 12.68
C LYS A 15 34.23 17.70 13.49
N PRO A 16 34.06 17.22 14.75
CA PRO A 16 33.04 17.81 15.62
C PRO A 16 33.25 19.30 15.86
N THR A 17 32.19 20.08 15.72
CA THR A 17 32.26 21.53 15.89
C THR A 17 32.22 21.92 17.37
N GLY A 18 32.13 20.92 18.25
CA GLY A 18 32.02 21.15 19.67
C GLY A 18 30.57 21.23 20.10
N ALA A 19 29.70 21.65 19.18
CA ALA A 19 28.27 21.76 19.44
C ALA A 19 27.63 20.37 19.52
N THR A 20 26.35 20.35 19.89
CA THR A 20 25.64 19.11 20.13
C THR A 20 24.14 19.34 20.05
N GLU A 21 23.40 18.29 19.69
CA GLU A 21 21.95 18.36 19.60
C GLU A 21 21.31 17.27 20.46
N VAL A 22 20.10 17.54 20.92
CA VAL A 22 19.32 16.56 21.65
C VAL A 22 18.86 15.49 20.68
N LEU A 23 19.04 14.23 21.05
CA LEU A 23 18.55 13.12 20.24
C LEU A 23 17.03 13.11 20.28
N PRO A 24 16.37 13.36 19.14
CA PRO A 24 14.90 13.38 19.20
C PRO A 24 14.32 12.03 19.60
N LYS A 25 13.17 12.06 20.26
CA LYS A 25 12.62 10.88 20.92
C LYS A 25 12.21 9.79 19.93
N VAL A 26 11.89 10.19 18.69
CA VAL A 26 11.40 9.24 17.69
C VAL A 26 12.42 8.13 17.42
N PHE A 27 13.70 8.41 17.62
CA PHE A 27 14.74 7.41 17.42
C PHE A 27 14.66 6.29 18.46
N SER A 28 13.83 6.48 19.48
CA SER A 28 13.66 5.50 20.54
C SER A 28 12.58 4.46 20.20
N ALA A 29 11.80 4.76 19.16
CA ALA A 29 10.69 3.90 18.77
C ALA A 29 11.16 2.47 18.52
N PRO A 30 10.32 1.48 18.86
CA PRO A 30 10.70 0.08 18.64
C PRO A 30 10.76 -0.29 17.17
N ILE A 31 11.81 -1.03 16.79
CA ILE A 31 12.04 -1.40 15.42
C ILE A 31 11.38 -2.75 15.10
N ARG A 32 10.38 -2.70 14.23
CA ARG A 32 9.68 -3.90 13.77
C ARG A 32 9.96 -4.08 12.27
N PRO A 33 10.90 -4.97 11.94
CA PRO A 33 11.42 -5.09 10.56
C PRO A 33 10.39 -5.17 9.44
N ASP A 34 9.29 -5.91 9.64
CA ASP A 34 8.33 -6.11 8.57
C ASP A 34 7.03 -5.31 8.74
N ILE A 35 7.11 -4.17 9.42
CA ILE A 35 5.92 -3.35 9.63
C ILE A 35 5.42 -2.75 8.31
N VAL A 36 6.34 -2.34 7.45
CA VAL A 36 5.95 -1.72 6.18
C VAL A 36 5.37 -2.76 5.23
N LYS A 37 5.94 -3.97 5.23
CA LYS A 37 5.41 -5.06 4.42
C LYS A 37 4.02 -5.42 4.94
N HIS A 38 3.82 -5.32 6.24
CA HIS A 38 2.53 -5.63 6.84
C HIS A 38 1.47 -4.63 6.39
N VAL A 39 1.83 -3.36 6.33
CA VAL A 39 0.90 -2.32 5.91
C VAL A 39 0.36 -2.59 4.49
N HIS A 40 1.21 -3.15 3.63
CA HIS A 40 0.87 -3.34 2.23
C HIS A 40 0.42 -4.77 1.91
N THR A 41 0.32 -5.61 2.93
CA THR A 41 -0.04 -7.00 2.70
C THR A 41 -1.51 -7.14 2.32
N GLY A 42 -1.82 -8.17 1.54
CA GLY A 42 -3.20 -8.56 1.34
C GLY A 42 -3.62 -9.45 2.48
N ALA A 44 -2.71 -12.15 5.09
CA ALA A 44 -1.53 -12.66 5.76
C ALA A 44 -1.26 -14.13 5.46
N LYS A 45 0.03 -14.45 5.30
CA LYS A 45 0.52 -15.79 4.99
C LYS A 45 -0.28 -16.55 3.91
N ASN A 46 -0.68 -15.83 2.88
CA ASN A 46 -1.31 -16.43 1.71
C ASN A 46 -0.30 -16.48 0.55
N LYS A 47 -0.10 -17.67 0.02
CA LYS A 47 0.94 -17.89 -1.01
C LYS A 47 0.36 -18.19 -2.39
N ARG A 48 -0.96 -18.17 -2.52
CA ARG A 48 -1.62 -18.50 -3.78
C ARG A 48 -2.09 -17.23 -4.51
N GLN A 49 -3.02 -16.51 -3.89
CA GLN A 49 -3.45 -15.21 -4.38
C GLN A 49 -3.69 -14.29 -3.17
N PRO A 50 -2.62 -13.64 -2.70
CA PRO A 50 -2.76 -12.82 -1.49
C PRO A 50 -3.58 -11.55 -1.66
N TYR A 51 -3.78 -11.05 -2.87
CA TYR A 51 -4.45 -9.77 -3.06
C TYR A 51 -5.91 -9.88 -3.47
N ALA A 52 -6.44 -11.11 -3.44
CA ALA A 52 -7.79 -11.37 -3.94
C ALA A 52 -8.48 -12.47 -3.15
N VAL A 53 -9.77 -12.27 -2.90
CA VAL A 53 -10.58 -13.32 -2.30
C VAL A 53 -10.80 -14.39 -3.37
N SER A 54 -10.59 -15.64 -3.00
CA SER A 54 -10.66 -16.74 -3.95
C SER A 54 -12.06 -16.86 -4.53
N GLU A 55 -12.15 -17.24 -5.80
CA GLU A 55 -13.42 -17.38 -6.49
C GLU A 55 -14.10 -18.67 -6.02
N LYS A 56 -15.41 -18.59 -5.78
CA LYS A 56 -16.19 -19.75 -5.39
C LYS A 56 -17.12 -20.12 -6.55
N ALA A 57 -16.84 -21.24 -7.20
CA ALA A 57 -17.57 -21.64 -8.39
C ALA A 57 -18.91 -22.29 -8.06
N GLY A 58 -19.03 -22.80 -6.84
CA GLY A 58 -20.23 -23.50 -6.42
C GLY A 58 -20.42 -24.78 -7.21
N HIS A 59 -21.64 -25.03 -7.66
CA HIS A 59 -21.96 -26.22 -8.44
C HIS A 59 -21.55 -26.08 -9.90
N GLN A 60 -20.94 -24.95 -10.24
CA GLN A 60 -20.48 -24.68 -11.60
C GLN A 60 -19.00 -25.07 -11.76
N THR A 61 -18.49 -24.92 -12.96
CA THR A 61 -17.08 -25.21 -13.25
C THR A 61 -16.28 -23.90 -13.27
N SER A 62 -15.18 -23.89 -12.54
CA SER A 62 -14.36 -22.67 -12.38
C SER A 62 -13.79 -22.18 -13.69
N ALA A 63 -13.74 -20.86 -13.85
CA ALA A 63 -13.18 -20.27 -15.06
C ALA A 63 -11.67 -20.48 -15.08
N GLU A 64 -11.07 -20.28 -16.25
CA GLU A 64 -9.66 -20.58 -16.45
C GLU A 64 -8.76 -19.66 -15.63
N SER A 65 -9.02 -18.36 -15.71
CA SER A 65 -8.15 -17.35 -15.11
C SER A 65 -8.24 -17.31 -13.57
N TRP A 66 -9.16 -18.07 -12.99
CA TRP A 66 -9.36 -18.06 -11.54
C TRP A 66 -8.26 -18.83 -10.81
N GLY A 67 -7.85 -18.32 -9.65
CA GLY A 67 -6.93 -19.04 -8.78
C GLY A 67 -5.46 -18.85 -9.12
N THR A 68 -5.17 -17.89 -9.99
CA THR A 68 -3.80 -17.59 -10.37
C THR A 68 -3.69 -16.13 -10.78
N GLY A 69 -2.48 -15.60 -10.77
CA GLY A 69 -2.23 -14.23 -11.17
C GLY A 69 -1.79 -14.10 -12.63
N ARG A 70 -1.52 -15.22 -13.28
CA ARG A 70 -1.04 -15.14 -14.66
C ARG A 70 -2.13 -14.69 -15.63
N ALA A 71 -1.70 -13.93 -16.64
CA ALA A 71 -2.55 -13.62 -17.79
C ALA A 71 -2.84 -14.90 -18.58
N VAL A 72 -3.99 -14.94 -19.24
CA VAL A 72 -4.35 -16.05 -20.13
C VAL A 72 -4.65 -15.53 -21.53
N ALA A 73 -4.55 -16.41 -22.54
CA ALA A 73 -4.81 -16.03 -23.93
C ALA A 73 -6.20 -15.39 -24.10
N ARG A 74 -6.30 -14.47 -25.06
CA ARG A 74 -7.52 -13.70 -25.27
C ARG A 74 -7.82 -13.48 -26.76
N ILE A 75 -9.11 -13.51 -27.10
CA ILE A 75 -9.58 -13.38 -28.48
C ILE A 75 -9.55 -11.91 -28.91
N PRO A 76 -9.17 -11.64 -30.18
CA PRO A 76 -9.16 -10.24 -30.67
C PRO A 76 -10.49 -9.50 -30.46
N ARG A 77 -10.40 -8.31 -29.87
CA ARG A 77 -11.58 -7.52 -29.51
C ARG A 77 -12.08 -6.67 -30.69
N VAL A 78 -13.27 -6.10 -30.53
CA VAL A 78 -13.87 -5.27 -31.58
C VAL A 78 -13.11 -3.95 -31.76
N GLY A 89 -26.00 -13.47 -19.97
CA GLY A 89 -25.68 -13.47 -21.39
C GLY A 89 -24.17 -13.45 -21.63
N ALA A 90 -23.77 -12.74 -22.68
CA ALA A 90 -22.36 -12.65 -23.03
C ALA A 90 -21.53 -12.00 -21.92
N PHE A 91 -22.19 -11.23 -21.06
CA PHE A 91 -21.52 -10.54 -19.96
C PHE A 91 -20.76 -11.53 -19.08
N GLY A 92 -21.46 -12.53 -18.56
CA GLY A 92 -20.85 -13.55 -17.72
C GLY A 92 -19.74 -14.33 -18.42
N ASN A 93 -19.89 -14.55 -19.73
CA ASN A 93 -18.89 -15.27 -20.50
C ASN A 93 -17.65 -14.43 -20.77
N CYS A 95 -16.55 -12.27 -18.68
CA CYS A 95 -15.89 -12.23 -17.37
C CYS A 95 -14.99 -13.44 -17.15
N ARG A 96 -15.51 -14.62 -17.48
CA ARG A 96 -14.78 -15.86 -17.23
C ARG A 96 -13.69 -16.14 -18.25
N SER A 97 -14.01 -16.00 -19.54
CA SER A 97 -13.10 -16.43 -20.59
C SER A 97 -12.89 -15.40 -21.70
N GLY A 98 -13.40 -14.19 -21.51
CA GLY A 98 -13.23 -13.13 -22.51
C GLY A 98 -12.06 -12.20 -22.25
N ARG A 99 -11.41 -12.37 -21.11
CA ARG A 99 -10.39 -11.41 -20.68
C ARG A 99 -9.03 -12.05 -20.45
N PHE A 101 -7.07 -10.88 -18.12
CA PHE A 101 -7.16 -10.96 -16.67
C PHE A 101 -8.62 -10.91 -16.25
N ALA A 102 -9.11 -12.00 -15.67
CA ALA A 102 -10.50 -12.01 -15.21
C ALA A 102 -10.68 -11.00 -14.06
N PRO A 103 -11.91 -10.51 -13.88
CA PRO A 103 -12.17 -9.65 -12.72
C PRO A 103 -11.96 -10.44 -11.44
N THR A 104 -11.48 -9.76 -10.39
CA THR A 104 -11.19 -10.40 -9.12
C THR A 104 -11.86 -9.67 -7.98
N LYS A 105 -12.18 -10.41 -6.93
CA LYS A 105 -12.63 -9.81 -5.68
C LYS A 105 -11.43 -9.30 -4.91
N ILE A 106 -11.23 -7.99 -4.91
CA ILE A 106 -10.10 -7.39 -4.21
C ILE A 106 -10.16 -7.68 -2.71
N TRP A 107 -9.03 -8.06 -2.15
CA TRP A 107 -8.93 -8.25 -0.71
C TRP A 107 -8.89 -6.87 -0.06
N ARG A 108 -9.98 -6.51 0.61
CA ARG A 108 -10.13 -5.18 1.19
C ARG A 108 -10.02 -5.23 2.71
N LYS A 109 -9.10 -4.44 3.25
CA LYS A 109 -8.88 -4.38 4.69
C LYS A 109 -9.76 -3.28 5.27
N TRP A 110 -10.94 -3.67 5.74
CA TRP A 110 -11.98 -2.72 6.12
C TRP A 110 -11.65 -1.86 7.34
N HIS A 111 -10.83 -2.38 8.24
CA HIS A 111 -10.41 -1.62 9.43
C HIS A 111 -9.35 -0.57 9.06
N VAL A 112 -9.79 0.48 8.39
CA VAL A 112 -8.90 1.47 7.79
C VAL A 112 -8.02 2.20 8.80
N LYS A 113 -8.63 2.67 9.89
CA LYS A 113 -7.92 3.44 10.90
C LYS A 113 -6.74 2.68 11.50
N ILE A 114 -6.88 1.36 11.68
CA ILE A 114 -5.78 0.55 12.16
C ILE A 114 -4.63 0.62 11.16
N ASN A 115 -4.93 0.37 9.89
CA ASN A 115 -3.93 0.41 8.83
C ASN A 115 -3.27 1.78 8.76
N GLN A 116 -4.06 2.83 8.93
CA GLN A 116 -3.53 4.20 8.91
C GLN A 116 -2.59 4.43 10.09
N GLY A 117 -2.96 3.93 11.26
CA GLY A 117 -2.13 4.06 12.45
C GLY A 117 -0.82 3.32 12.28
N GLN A 118 -0.89 2.15 11.64
CA GLN A 118 0.30 1.35 11.40
C GLN A 118 1.27 2.06 10.47
N LYS A 119 0.75 2.78 9.48
CA LYS A 119 1.59 3.56 8.58
C LYS A 119 2.33 4.64 9.35
N ARG A 120 1.62 5.25 10.30
CA ARG A 120 2.16 6.32 11.11
C ARG A 120 3.31 5.81 11.96
N PHE A 121 3.10 4.65 12.60
CA PHE A 121 4.12 4.06 13.44
C PHE A 121 5.31 3.61 12.61
N ALA A 122 5.01 3.01 11.45
CA ALA A 122 6.03 2.52 10.54
C ALA A 122 7.03 3.62 10.21
N THR A 123 6.53 4.83 10.05
CA THR A 123 7.38 5.98 9.77
C THR A 123 8.34 6.25 10.94
N ALA A 124 7.86 6.08 12.16
CA ALA A 124 8.71 6.27 13.33
C ALA A 124 9.72 5.15 13.43
N SER A 125 9.27 3.93 13.11
CA SER A 125 10.08 2.74 13.22
C SER A 125 11.19 2.78 12.18
N ALA A 126 10.90 3.35 11.01
CA ALA A 126 11.89 3.48 9.94
C ALA A 126 12.92 4.53 10.31
N LEU A 127 12.47 5.56 11.02
CA LEU A 127 13.39 6.61 11.46
C LEU A 127 14.39 6.04 12.46
N ALA A 128 13.90 5.21 13.37
CA ALA A 128 14.74 4.58 14.37
C ALA A 128 15.76 3.66 13.70
N ALA A 129 15.26 2.88 12.73
CA ALA A 129 16.10 1.92 12.03
C ALA A 129 17.28 2.60 11.33
N SER A 130 17.05 3.82 10.87
CA SER A 130 18.08 4.57 10.16
C SER A 130 19.32 4.87 11.02
N ALA A 131 19.15 4.84 12.34
CA ALA A 131 20.25 5.14 13.27
C ALA A 131 20.81 3.88 13.90
N VAL A 132 20.64 2.76 13.22
CA VAL A 132 21.23 1.48 13.65
C VAL A 132 22.15 0.96 12.55
N ALA A 133 23.45 0.92 12.83
CA ALA A 133 24.46 0.60 11.81
C ALA A 133 24.31 -0.81 11.20
N PRO A 134 24.10 -1.84 12.04
CA PRO A 134 23.86 -3.18 11.48
C PRO A 134 22.69 -3.25 10.48
N LEU A 135 21.61 -2.51 10.73
CA LEU A 135 20.47 -2.51 9.80
C LEU A 135 20.84 -1.81 8.50
N LEU A 136 21.67 -0.78 8.59
CA LEU A 136 22.07 -0.03 7.41
C LEU A 136 22.96 -0.88 6.51
N ALA A 138 22.97 -4.12 6.46
CA ALA A 138 22.13 -5.20 5.98
C ALA A 138 21.38 -4.77 4.72
N ARG A 139 21.06 -3.48 4.64
CA ARG A 139 20.42 -2.94 3.45
C ARG A 139 21.43 -2.62 2.36
N GLY A 140 22.72 -2.79 2.67
CA GLY A 140 23.76 -2.66 1.67
C GLY A 140 24.45 -1.30 1.63
N HIS A 141 24.16 -0.45 2.61
CA HIS A 141 24.91 0.80 2.74
C HIS A 141 26.28 0.51 3.31
N GLN A 142 27.27 1.28 2.87
CA GLN A 142 28.62 1.22 3.40
C GLN A 142 28.78 2.37 4.36
N VAL A 143 28.84 2.08 5.66
CA VAL A 143 28.81 3.12 6.69
C VAL A 143 29.90 2.91 7.74
N SER A 144 30.92 2.14 7.39
CA SER A 144 32.03 1.86 8.31
C SER A 144 32.85 3.12 8.59
N THR A 145 32.77 4.09 7.68
CA THR A 145 33.56 5.32 7.77
C THR A 145 32.75 6.47 8.38
N VAL A 146 31.44 6.31 8.49
CA VAL A 146 30.60 7.31 9.12
C VAL A 146 30.96 7.45 10.61
N PRO A 147 31.25 8.68 11.07
CA PRO A 147 31.74 8.86 12.44
C PRO A 147 30.68 8.63 13.53
N GLU A 148 29.42 8.89 13.22
CA GLU A 148 28.35 8.67 14.19
C GLU A 148 26.97 8.56 13.55
N VAL A 149 26.12 7.71 14.14
CA VAL A 149 24.70 7.64 13.78
C VAL A 149 23.84 8.01 15.01
N PRO A 150 22.82 8.87 14.83
CA PRO A 150 22.45 9.57 13.60
C PRO A 150 23.54 10.53 13.17
N LEU A 151 23.68 10.73 11.87
CA LEU A 151 24.73 11.57 11.33
C LEU A 151 24.19 12.98 11.13
N VAL A 152 24.68 13.90 11.96
CA VAL A 152 24.20 15.28 11.96
C VAL A 152 25.31 16.22 11.50
N VAL A 153 25.01 16.99 10.45
CA VAL A 153 25.92 18.03 9.97
C VAL A 153 25.41 19.40 10.40
N ASP A 154 26.34 20.29 10.76
CA ASP A 154 26.00 21.65 11.16
C ASP A 154 25.37 22.38 9.98
N SER A 155 24.21 22.98 10.23
CA SER A 155 23.46 23.66 9.17
C SER A 155 24.23 24.84 8.58
N ALA A 156 25.23 25.33 9.32
CA ALA A 156 26.08 26.41 8.84
C ALA A 156 26.85 25.96 7.59
N ALA A 157 27.01 24.65 7.45
CA ALA A 157 27.70 24.08 6.29
C ALA A 157 26.79 24.04 5.06
N VAL A 158 25.53 24.41 5.24
CA VAL A 158 24.56 24.41 4.14
C VAL A 158 23.58 25.57 4.31
N ALA A 159 23.99 26.59 5.04
CA ALA A 159 23.12 27.71 5.40
C ALA A 159 22.44 28.34 4.19
N GLY A 160 23.22 28.56 3.14
CA GLY A 160 22.71 29.16 1.92
C GLY A 160 23.41 28.62 0.70
N ASP A 161 24.20 29.48 0.05
CA ASP A 161 24.95 29.08 -1.14
C ASP A 161 26.30 28.46 -0.77
N ALA A 162 26.32 27.78 0.38
CA ALA A 162 27.52 27.07 0.81
C ALA A 162 27.75 25.86 -0.09
N VAL A 163 26.72 25.02 -0.18
CA VAL A 163 26.77 23.82 -1.01
C VAL A 163 25.81 23.94 -2.19
N ALA A 164 25.68 25.15 -2.71
CA ALA A 164 24.92 25.37 -3.94
C ALA A 164 25.68 24.75 -5.11
N LYS A 165 27.00 24.87 -5.06
CA LYS A 165 27.87 24.29 -6.07
C LYS A 165 27.97 22.79 -5.86
N THR A 166 28.10 22.04 -6.96
CA THR A 166 28.17 20.59 -6.88
C THR A 166 29.52 20.10 -6.35
N ALA A 167 30.56 20.91 -6.53
CA ALA A 167 31.88 20.56 -6.02
C ALA A 167 31.90 20.66 -4.49
N ALA A 168 31.17 21.63 -3.96
CA ALA A 168 31.12 21.85 -2.51
C ALA A 168 30.29 20.76 -1.81
N ALA A 169 29.20 20.35 -2.43
CA ALA A 169 28.35 19.31 -1.86
C ALA A 169 29.08 17.96 -1.83
N TYR A 170 29.71 17.62 -2.95
CA TYR A 170 30.43 16.36 -3.08
C TYR A 170 31.60 16.31 -2.09
N LYS A 171 32.24 17.45 -1.87
CA LYS A 171 33.34 17.54 -0.92
C LYS A 171 32.85 17.35 0.51
N LEU A 172 31.64 17.82 0.79
CA LEU A 172 31.05 17.68 2.11
C LEU A 172 30.76 16.22 2.44
N LEU A 173 30.23 15.47 1.48
CA LEU A 173 29.89 14.06 1.69
C LEU A 173 31.11 13.19 1.98
N LYS A 174 32.24 13.50 1.36
CA LYS A 174 33.46 12.73 1.57
C LYS A 174 33.97 12.93 2.99
N ALA A 175 34.07 14.18 3.42
CA ALA A 175 34.61 14.51 4.74
C ALA A 175 33.75 13.98 5.88
N ILE A 176 32.48 13.76 5.59
CA ILE A 176 31.52 13.29 6.60
C ILE A 176 31.46 11.76 6.64
N GLY A 177 32.03 11.12 5.62
CA GLY A 177 32.17 9.68 5.60
C GLY A 177 31.18 9.00 4.67
N ALA A 178 30.42 9.78 3.92
CA ALA A 178 29.43 9.23 3.02
C ALA A 178 30.08 8.78 1.72
N GLY A 179 31.37 9.07 1.57
CA GLY A 179 32.11 8.78 0.35
C GLY A 179 31.92 7.37 -0.19
N PRO A 180 32.29 6.35 0.59
CA PRO A 180 32.20 4.96 0.15
C PRO A 180 30.80 4.54 -0.30
N ASP A 181 29.76 5.14 0.27
CA ASP A 181 28.38 4.77 -0.11
C ASP A 181 27.97 5.46 -1.40
N VAL A 182 28.48 6.67 -1.63
CA VAL A 182 28.20 7.39 -2.87
C VAL A 182 28.93 6.70 -4.03
N GLU A 183 30.16 6.29 -3.78
CA GLU A 183 30.97 5.64 -4.81
C GLU A 183 30.41 4.25 -5.14
N LYS A 184 29.86 3.57 -4.15
CA LYS A 184 29.23 2.28 -4.34
C LYS A 184 28.23 2.36 -5.49
N VAL A 185 27.43 3.42 -5.49
CA VAL A 185 26.43 3.65 -6.53
C VAL A 185 27.10 3.87 -7.88
N LYS A 186 28.31 4.42 -7.87
CA LYS A 186 29.02 4.74 -9.11
C LYS A 186 29.31 3.49 -9.94
N LYS A 187 29.15 2.32 -9.33
CA LYS A 187 29.29 1.05 -10.05
C LYS A 187 27.97 0.70 -10.73
N SER A 188 28.05 0.33 -12.01
CA SER A 188 26.88 -0.08 -12.78
C SER A 188 25.79 0.99 -12.77
N HIS A 203 15.02 9.56 -9.71
CA HIS A 203 14.85 8.40 -10.56
C HIS A 203 14.64 7.13 -9.71
N ARG A 204 15.67 6.30 -9.60
CA ARG A 204 15.59 5.06 -8.84
C ARG A 204 16.87 4.87 -8.04
N GLN A 205 17.14 5.83 -7.15
CA GLN A 205 18.35 5.82 -6.35
C GLN A 205 18.02 5.85 -4.87
N ARG A 206 17.30 4.83 -4.41
CA ARG A 206 17.08 4.62 -2.99
C ARG A 206 18.24 3.83 -2.40
N ARG A 207 19.29 3.63 -3.20
CA ARG A 207 20.46 2.88 -2.78
C ARG A 207 21.45 3.77 -2.02
N GLY A 208 21.40 5.07 -2.28
CA GLY A 208 22.35 6.01 -1.71
C GLY A 208 21.82 6.74 -0.48
N PRO A 209 22.63 7.67 0.05
CA PRO A 209 22.24 8.45 1.23
C PRO A 209 21.12 9.47 0.98
N LEU A 210 20.28 9.67 1.97
CA LEU A 210 19.18 10.63 1.90
C LEU A 210 19.54 11.88 2.70
N ILE A 211 19.63 13.03 2.03
CA ILE A 211 19.93 14.28 2.69
C ILE A 211 18.63 14.93 3.18
N VAL A 212 18.46 14.99 4.50
CA VAL A 212 17.26 15.57 5.10
C VAL A 212 17.58 16.96 5.66
N TYR A 213 16.86 17.97 5.15
CA TYR A 213 17.14 19.36 5.47
C TYR A 213 15.86 20.11 5.86
N SER A 214 16.02 21.16 6.66
CA SER A 214 14.91 22.01 7.04
C SER A 214 14.76 23.17 6.04
N PRO A 215 13.62 23.21 5.30
CA PRO A 215 13.45 24.28 4.30
C PRO A 215 13.49 25.69 4.88
N GLU A 216 12.89 25.85 6.06
CA GLU A 216 12.72 27.17 6.65
C GLU A 216 14.04 27.86 7.01
N HIS A 217 15.10 27.06 7.23
CA HIS A 217 16.38 27.59 7.71
C HIS A 217 17.53 27.29 6.76
N ASP A 218 17.60 26.06 6.27
CA ASP A 218 18.70 25.64 5.40
C ASP A 218 18.52 26.20 3.99
N GLY A 219 17.28 26.44 3.59
CA GLY A 219 16.97 27.00 2.28
C GLY A 219 16.67 25.94 1.24
N LYS A 220 16.78 26.33 -0.03
CA LYS A 220 16.57 25.41 -1.15
C LYS A 220 17.82 25.29 -2.01
N GLU A 221 18.81 26.13 -1.73
CA GLU A 221 20.04 26.18 -2.51
C GLU A 221 20.81 24.86 -2.51
N LEU A 222 20.86 24.21 -1.36
CA LEU A 222 21.64 22.98 -1.19
C LEU A 222 21.16 21.86 -2.11
N VAL A 223 19.86 21.84 -2.40
CA VAL A 223 19.28 20.82 -3.28
C VAL A 223 19.85 20.94 -4.68
N LYS A 224 20.09 22.17 -5.11
CA LYS A 224 20.59 22.43 -6.46
C LYS A 224 22.01 21.89 -6.62
N GLY A 225 22.71 21.73 -5.50
CA GLY A 225 24.07 21.22 -5.52
C GLY A 225 24.11 19.71 -5.44
N PHE A 226 23.21 19.13 -4.64
CA PHE A 226 23.18 17.68 -4.42
C PHE A 226 22.53 16.93 -5.57
N ARG A 227 21.58 17.56 -6.25
CA ARG A 227 20.86 16.92 -7.34
C ARG A 227 21.83 16.47 -8.42
N ASN A 228 22.94 17.18 -8.55
CA ASN A 228 23.97 16.83 -9.53
C ASN A 228 24.63 15.50 -9.21
N ILE A 229 24.82 15.22 -7.92
CA ILE A 229 25.49 14.00 -7.49
C ILE A 229 24.58 12.78 -7.69
N PRO A 230 25.12 11.70 -8.28
CA PRO A 230 24.32 10.48 -8.44
C PRO A 230 24.31 9.64 -7.17
N GLY A 231 23.17 9.01 -6.87
CA GLY A 231 23.05 8.17 -5.70
C GLY A 231 22.37 8.88 -4.55
N VAL A 232 22.84 10.09 -4.23
CA VAL A 232 22.27 10.85 -3.13
C VAL A 232 20.87 11.32 -3.48
N GLU A 233 19.99 11.34 -2.48
CA GLU A 233 18.63 11.80 -2.67
C GLU A 233 18.36 12.97 -1.74
N THR A 234 17.46 13.84 -2.17
CA THR A 234 17.12 15.05 -1.42
C THR A 234 15.68 14.98 -0.92
N CYS A 235 15.43 15.53 0.25
CA CYS A 235 14.09 15.54 0.83
C CYS A 235 14.03 16.49 2.03
N PRO A 236 12.94 17.26 2.17
CA PRO A 236 12.80 18.11 3.36
C PRO A 236 12.16 17.36 4.53
N VAL A 237 12.38 17.82 5.75
CA VAL A 237 11.99 17.09 6.95
C VAL A 237 10.49 16.81 6.99
N ASP A 238 9.70 17.79 6.58
CA ASP A 238 8.25 17.69 6.62
C ASP A 238 7.69 16.69 5.61
N ALA A 239 8.43 16.43 4.54
CA ALA A 239 7.95 15.60 3.44
C ALA A 239 8.53 14.18 3.47
N LEU A 240 8.87 13.69 4.65
CA LEU A 240 9.43 12.35 4.78
C LEU A 240 8.37 11.27 4.58
N ASN A 241 8.67 10.30 3.71
CA ASN A 241 7.76 9.20 3.44
C ASN A 241 8.46 7.84 3.52
N LEU A 242 7.65 6.78 3.55
CA LEU A 242 8.17 5.42 3.68
C LEU A 242 8.89 4.92 2.44
N LEU A 243 8.70 5.59 1.30
CA LEU A 243 9.38 5.20 0.08
C LEU A 243 10.89 5.46 0.21
N GLN A 244 11.24 6.54 0.90
CA GLN A 244 12.64 6.93 1.08
C GLN A 244 13.24 6.35 2.35
N LEU A 245 12.42 6.28 3.40
CA LEU A 245 12.84 5.77 4.70
C LEU A 245 12.91 4.24 4.74
N ALA A 246 12.12 3.60 3.88
CA ALA A 246 12.08 2.14 3.83
C ALA A 246 11.89 1.63 2.40
N PRO A 247 12.92 1.78 1.54
CA PRO A 247 12.82 1.36 0.15
C PRO A 247 12.50 -0.14 0.02
N GLY A 248 11.52 -0.47 -0.80
CA GLY A 248 11.14 -1.86 -1.02
C GLY A 248 10.45 -2.47 0.17
N GLY A 249 10.13 -1.64 1.16
CA GLY A 249 9.53 -2.11 2.39
C GLY A 249 10.55 -2.67 3.36
N HIS A 250 11.80 -2.23 3.21
CA HIS A 250 12.89 -2.63 4.12
C HIS A 250 13.43 -1.43 4.90
N LEU A 251 13.37 -1.51 6.23
CA LEU A 251 13.84 -0.41 7.08
C LEU A 251 15.35 -0.29 7.07
N GLY A 252 15.86 0.94 7.14
CA GLY A 252 17.28 1.17 7.26
C GLY A 252 17.90 2.03 6.17
N ARG A 253 17.46 3.28 6.09
CA ARG A 253 18.01 4.22 5.13
C ARG A 253 19.19 4.99 5.73
N PHE A 254 20.23 5.18 4.94
CA PHE A 254 21.36 6.01 5.33
C PHE A 254 20.95 7.47 5.15
N ILE A 255 20.84 8.20 6.26
CA ILE A 255 20.34 9.57 6.25
C ILE A 255 21.39 10.54 6.79
N VAL A 256 21.63 11.61 6.04
CA VAL A 256 22.44 12.71 6.53
C VAL A 256 21.51 13.85 6.97
N TRP A 257 21.48 14.11 8.27
CA TRP A 257 20.65 15.17 8.83
C TRP A 257 21.40 16.50 8.92
N THR A 258 20.70 17.59 8.64
CA THR A 258 21.20 18.93 8.97
C THR A 258 20.76 19.23 10.39
N SER A 259 21.58 19.99 11.11
CA SER A 259 21.29 20.31 12.51
C SER A 259 19.91 20.93 12.66
N ALA A 260 19.53 21.78 11.71
CA ALA A 260 18.23 22.43 11.73
C ALA A 260 17.11 21.40 11.61
N ALA A 261 17.36 20.36 10.82
CA ALA A 261 16.35 19.33 10.57
C ALA A 261 16.07 18.47 11.80
N ILE A 262 17.14 18.10 12.51
CA ILE A 262 17.02 17.27 13.72
C ILE A 262 16.13 17.90 14.78
N LYS A 263 16.32 19.20 15.03
CA LYS A 263 15.54 19.90 16.04
C LYS A 263 14.04 19.86 15.73
N GLN A 264 13.68 20.22 14.50
CA GLN A 264 12.29 20.25 14.08
C GLN A 264 11.70 18.84 13.99
N LEU A 265 12.55 17.88 13.65
CA LEU A 265 12.14 16.51 13.37
C LEU A 265 11.11 15.98 14.38
N ASP A 266 11.33 16.27 15.66
CA ASP A 266 10.48 15.76 16.71
C ASP A 266 9.11 16.43 16.68
N ALA A 267 9.08 17.71 16.32
CA ALA A 267 7.84 18.47 16.28
C ALA A 267 7.00 18.12 15.05
N VAL A 268 7.68 17.93 13.92
CA VAL A 268 7.01 17.65 12.64
C VAL A 268 6.23 16.33 12.68
N TYR A 269 6.84 15.29 13.23
CA TYR A 269 6.20 13.98 13.32
C TYR A 269 4.97 14.03 14.25
N GLU A 270 5.05 14.86 15.28
CA GLU A 270 3.96 15.02 16.23
C GLU A 270 2.86 15.91 15.66
N SER A 271 3.23 16.76 14.69
CA SER A 271 2.28 17.66 14.05
C SER A 271 1.22 16.85 13.29
N LYS A 272 1.68 15.91 12.47
CA LYS A 272 0.78 15.09 11.67
C LYS A 272 0.12 14.02 12.54
N SER B 1 -11.53 -4.01 39.80
CA SER B 1 -10.23 -3.96 39.16
C SER B 1 -10.22 -2.90 38.05
N ILE B 2 -9.38 -3.11 37.03
CA ILE B 2 -9.28 -2.17 35.92
C ILE B 2 -10.50 -2.25 34.99
N ASN B 3 -10.85 -1.14 34.37
CA ASN B 3 -11.96 -1.10 33.43
C ASN B 3 -11.60 -1.81 32.12
N PRO B 4 -12.44 -2.75 31.65
CA PRO B 4 -12.15 -3.47 30.40
C PRO B 4 -12.08 -2.58 29.16
N LYS B 5 -12.74 -1.43 29.20
CA LYS B 5 -12.71 -0.51 28.05
C LYS B 5 -11.29 0.02 27.85
N GLU B 6 -10.55 0.19 28.95
CA GLU B 6 -9.17 0.63 28.89
C GLU B 6 -8.30 -0.44 28.23
N LEU B 7 -8.62 -1.70 28.51
CA LEU B 7 -7.93 -2.81 27.86
C LEU B 7 -8.19 -2.86 26.35
N LEU B 8 -9.39 -2.50 25.93
CA LEU B 8 -9.70 -2.45 24.50
C LEU B 8 -8.89 -1.37 23.81
N ASP B 9 -8.74 -0.23 24.47
CA ASP B 9 -7.97 0.87 23.92
C ASP B 9 -6.49 0.49 23.87
N ARG B 10 -6.02 -0.19 24.91
CA ARG B 10 -4.64 -0.63 24.96
C ARG B 10 -4.34 -1.60 23.81
N ALA B 11 -5.21 -2.58 23.63
CA ALA B 11 -5.01 -3.57 22.58
C ALA B 11 -5.04 -2.91 21.20
N THR B 12 -5.87 -1.89 21.05
CA THR B 12 -5.96 -1.15 19.79
C THR B 12 -4.68 -0.40 19.49
N THR B 13 -4.09 0.22 20.53
CA THR B 13 -2.82 0.90 20.38
C THR B 13 -1.74 -0.10 20.00
N LEU B 14 -1.76 -1.26 20.66
CA LEU B 14 -0.79 -2.31 20.38
C LEU B 14 -0.91 -2.79 18.93
N LEU B 15 -2.14 -2.90 18.46
CA LEU B 15 -2.40 -3.34 17.10
C LEU B 15 -1.89 -2.28 16.11
N GLU B 16 -2.10 -1.02 16.45
CA GLU B 16 -1.67 0.08 15.59
C GLU B 16 -0.16 0.27 15.61
N GLU B 17 0.52 -0.39 16.55
CA GLU B 17 1.98 -0.34 16.64
C GLU B 17 2.62 -1.58 16.04
N GLY B 18 1.79 -2.43 15.42
CA GLY B 18 2.28 -3.63 14.79
C GLY B 18 2.66 -4.73 15.78
N ASP B 19 2.25 -4.57 17.03
CA ASP B 19 2.52 -5.58 18.06
C ASP B 19 1.30 -6.49 18.21
N ILE B 20 1.06 -7.29 17.19
CA ILE B 20 -0.16 -8.09 17.08
C ILE B 20 -0.26 -9.18 18.14
N GLU B 21 0.86 -9.80 18.47
CA GLU B 21 0.88 -10.89 19.45
C GLU B 21 0.35 -10.42 20.81
N THR B 22 0.89 -9.31 21.30
CA THR B 22 0.50 -8.80 22.61
C THR B 22 -0.93 -8.26 22.59
N ALA B 23 -1.34 -7.72 21.45
CA ALA B 23 -2.70 -7.22 21.29
C ALA B 23 -3.71 -8.33 21.48
N ALA B 24 -3.43 -9.50 20.92
CA ALA B 24 -4.33 -10.63 21.04
C ALA B 24 -4.47 -11.02 22.50
N LYS B 25 -3.36 -11.00 23.23
CA LYS B 25 -3.39 -11.34 24.64
C LYS B 25 -4.23 -10.34 25.43
N VAL B 26 -4.00 -9.05 25.20
CA VAL B 26 -4.73 -8.01 25.94
C VAL B 26 -6.21 -7.99 25.54
N ALA B 27 -6.49 -8.23 24.27
CA ALA B 27 -7.85 -8.25 23.77
C ALA B 27 -8.62 -9.44 24.32
N ARG B 28 -7.91 -10.56 24.50
CA ARG B 28 -8.53 -11.75 25.07
C ARG B 28 -8.92 -11.50 26.52
N THR B 29 -7.96 -11.07 27.34
CA THR B 29 -8.25 -10.78 28.74
C THR B 29 -9.39 -9.77 28.85
N ALA B 30 -9.36 -8.75 27.99
CA ALA B 30 -10.41 -7.74 27.96
C ALA B 30 -11.79 -8.39 27.85
N TYR B 31 -11.96 -9.20 26.81
CA TYR B 31 -13.26 -9.82 26.51
C TYR B 31 -13.73 -10.73 27.64
N GLU B 32 -12.78 -11.41 28.29
CA GLU B 32 -13.12 -12.27 29.42
C GLU B 32 -13.83 -11.49 30.52
N HIS B 33 -13.48 -10.21 30.67
CA HIS B 33 -14.09 -9.37 31.69
C HIS B 33 -15.31 -8.62 31.15
N ILE B 34 -15.74 -9.00 29.95
CA ILE B 34 -16.88 -8.37 29.29
C ILE B 34 -17.96 -9.41 29.03
N GLY B 35 -17.59 -10.49 28.36
CA GLY B 35 -18.51 -11.56 28.05
C GLY B 35 -19.50 -11.19 26.97
N GLU B 36 -20.29 -12.17 26.52
CA GLU B 36 -21.19 -11.98 25.39
C GLU B 36 -22.33 -11.02 25.73
N ASN B 37 -22.68 -10.94 27.01
CA ASN B 37 -23.77 -10.07 27.46
C ASN B 37 -23.28 -8.66 27.79
N GLY B 38 -21.97 -8.46 27.75
CA GLY B 38 -21.37 -7.18 28.09
C GLY B 38 -21.71 -6.06 27.14
N ARG B 39 -21.57 -4.83 27.64
CA ARG B 39 -21.86 -3.61 26.90
C ARG B 39 -20.98 -3.50 25.65
N HIS B 40 -19.69 -3.82 25.82
CA HIS B 40 -18.70 -3.68 24.73
C HIS B 40 -18.40 -5.00 24.03
N ALA B 41 -19.31 -5.97 24.12
CA ALA B 41 -19.08 -7.29 23.53
C ALA B 41 -18.83 -7.19 22.02
N GLY B 42 -19.65 -6.41 21.33
CA GLY B 42 -19.52 -6.25 19.90
C GLY B 42 -18.18 -5.68 19.48
N ALA B 43 -17.78 -4.60 20.15
CA ALA B 43 -16.52 -3.94 19.84
C ALA B 43 -15.35 -4.87 20.19
N ALA B 44 -15.49 -5.60 21.28
CA ALA B 44 -14.44 -6.51 21.73
C ALA B 44 -14.23 -7.67 20.75
N LEU B 45 -15.34 -8.26 20.32
CA LEU B 45 -15.29 -9.36 19.37
C LEU B 45 -14.79 -8.86 18.01
N THR B 46 -15.20 -7.65 17.64
CA THR B 46 -14.73 -7.04 16.41
C THR B 46 -13.21 -6.92 16.44
N LEU B 47 -12.68 -6.42 17.55
CA LEU B 47 -11.24 -6.21 17.70
C LEU B 47 -10.50 -7.54 17.64
N LEU B 48 -11.01 -8.54 18.34
CA LEU B 48 -10.43 -9.88 18.27
C LEU B 48 -10.47 -10.41 16.85
N GLY B 49 -11.47 -9.97 16.08
CA GLY B 49 -11.58 -10.36 14.68
C GLY B 49 -10.50 -9.74 13.84
N GLN B 50 -10.33 -8.43 13.97
CA GLN B 50 -9.27 -7.69 13.26
C GLN B 50 -7.90 -8.30 13.56
N ILE B 51 -7.67 -8.63 14.82
CA ILE B 51 -6.36 -9.10 15.25
C ILE B 51 -6.02 -10.43 14.59
N HIS B 52 -6.99 -11.34 14.57
CA HIS B 52 -6.75 -12.66 14.02
C HIS B 52 -6.71 -12.63 12.49
N VAL B 53 -7.29 -11.59 11.89
CA VAL B 53 -7.15 -11.39 10.45
C VAL B 53 -5.71 -11.01 10.16
N GLU B 54 -5.20 -10.07 10.94
CA GLU B 54 -3.83 -9.61 10.76
C GLU B 54 -2.84 -10.73 11.05
N LEU B 55 -3.26 -11.71 11.86
CA LEU B 55 -2.42 -12.86 12.18
C LEU B 55 -2.46 -13.94 11.09
N GLY B 56 -3.42 -13.84 10.18
CA GLY B 56 -3.60 -14.82 9.15
C GLY B 56 -4.44 -16.02 9.60
N ASP B 57 -4.99 -15.95 10.80
CA ASP B 57 -5.89 -16.99 11.30
C ASP B 57 -7.32 -16.65 10.89
N ILE B 58 -7.69 -17.07 9.69
CA ILE B 58 -8.98 -16.73 9.09
C ILE B 58 -10.14 -17.37 9.84
N ASP B 59 -9.96 -18.60 10.28
CA ASP B 59 -11.04 -19.35 10.91
C ASP B 59 -11.38 -18.80 12.29
N ALA B 60 -10.37 -18.33 13.00
CA ALA B 60 -10.58 -17.68 14.29
C ALA B 60 -11.27 -16.35 14.05
N ALA B 61 -10.81 -15.64 13.02
CA ALA B 61 -11.38 -14.35 12.65
C ALA B 61 -12.87 -14.45 12.30
N ARG B 62 -13.24 -15.53 11.60
CA ARG B 62 -14.63 -15.72 11.21
C ARG B 62 -15.52 -15.93 12.43
N ASN B 63 -15.07 -16.76 13.36
CA ASN B 63 -15.83 -17.06 14.56
C ASN B 63 -16.04 -15.81 15.44
N TYR B 64 -15.02 -14.96 15.53
CA TYR B 64 -15.09 -13.75 16.33
C TYR B 64 -16.05 -12.74 15.70
N TYR B 65 -15.90 -12.55 14.39
CA TYR B 65 -16.76 -11.64 13.65
C TYR B 65 -18.20 -12.14 13.67
N ALA B 66 -18.38 -13.46 13.61
CA ALA B 66 -19.72 -14.06 13.67
C ALA B 66 -20.37 -13.84 15.03
N ALA B 67 -19.58 -14.00 16.09
CA ALA B 67 -20.07 -13.80 17.45
C ALA B 67 -20.44 -12.34 17.67
N ALA B 68 -19.69 -11.44 17.03
CA ALA B 68 -19.98 -10.01 17.12
C ALA B 68 -21.34 -9.69 16.52
N VAL B 69 -21.66 -10.38 15.43
CA VAL B 69 -22.95 -10.18 14.77
C VAL B 69 -24.10 -10.64 15.66
N LYS B 70 -23.93 -11.80 16.28
CA LYS B 70 -24.98 -12.34 17.14
C LYS B 70 -25.26 -11.41 18.32
N VAL B 71 -24.29 -10.58 18.69
CA VAL B 71 -24.45 -9.60 19.74
C VAL B 71 -25.14 -8.32 19.24
N ASP B 72 -24.99 -8.03 17.95
CA ASP B 72 -25.52 -6.79 17.35
C ASP B 72 -26.04 -7.08 15.94
N GLU B 73 -27.13 -7.83 15.88
CA GLU B 73 -27.60 -8.42 14.62
C GLU B 73 -27.95 -7.40 13.54
N ASP B 74 -28.50 -6.25 13.93
CA ASP B 74 -28.92 -5.23 12.97
C ASP B 74 -27.93 -4.08 12.85
N GLY B 75 -26.87 -4.12 13.65
CA GLY B 75 -25.82 -3.12 13.59
C GLY B 75 -26.23 -1.75 14.11
N SER B 76 -27.34 -1.70 14.84
CA SER B 76 -27.90 -0.43 15.30
C SER B 76 -27.09 0.20 16.45
N LEU B 77 -26.27 -0.59 17.12
CA LEU B 77 -25.46 -0.10 18.23
C LEU B 77 -24.41 0.90 17.76
N PRO B 78 -24.07 1.89 18.61
CA PRO B 78 -22.97 2.82 18.28
C PRO B 78 -21.69 2.05 18.01
N GLU B 79 -20.91 2.49 17.03
CA GLU B 79 -19.69 1.79 16.62
C GLU B 79 -18.79 1.51 17.82
N GLU B 80 -18.81 2.41 18.79
CA GLU B 80 -17.94 2.33 19.95
C GLU B 80 -18.29 1.13 20.84
N LEU B 81 -19.57 0.77 20.88
CA LEU B 81 -20.03 -0.34 21.70
C LEU B 81 -20.13 -1.65 20.92
N GLY B 82 -20.67 -1.59 19.70
CA GLY B 82 -20.99 -2.78 18.93
C GLY B 82 -20.03 -3.15 17.82
N GLY B 83 -19.06 -2.28 17.54
CA GLY B 83 -18.03 -2.58 16.56
C GLY B 83 -18.23 -1.91 15.20
N GLY B 84 -19.49 -1.74 14.80
CA GLY B 84 -19.79 -1.09 13.53
C GLY B 84 -20.03 -2.09 12.40
N PRO B 85 -20.22 -1.59 11.18
CA PRO B 85 -20.57 -2.43 10.02
C PRO B 85 -19.42 -3.33 9.55
N GLU B 86 -18.23 -3.10 10.06
CA GLU B 86 -17.01 -3.79 9.65
C GLU B 86 -17.17 -5.30 9.69
N LYS B 87 -17.78 -5.79 10.77
CA LYS B 87 -17.94 -7.24 10.95
C LYS B 87 -18.76 -7.90 9.84
N PHE B 88 -19.75 -7.20 9.29
CA PHE B 88 -20.57 -7.74 8.21
C PHE B 88 -19.73 -7.88 6.95
N LEU B 89 -18.90 -6.87 6.68
CA LEU B 89 -18.11 -6.82 5.47
C LEU B 89 -17.03 -7.89 5.48
N TRP B 90 -16.45 -8.14 6.66
CA TRP B 90 -15.42 -9.16 6.77
C TRP B 90 -16.00 -10.56 6.60
N LEU B 91 -17.20 -10.78 7.11
CA LEU B 91 -17.86 -12.08 6.98
C LEU B 91 -18.17 -12.39 5.53
N ALA B 92 -18.43 -11.34 4.76
CA ALA B 92 -18.70 -11.48 3.33
C ALA B 92 -17.46 -11.97 2.58
N GLN B 93 -16.30 -11.40 2.92
CA GLN B 93 -15.05 -11.78 2.27
C GLN B 93 -14.56 -13.14 2.73
N LEU B 94 -14.82 -13.44 4.01
CA LEU B 94 -14.35 -14.67 4.61
C LEU B 94 -15.31 -15.83 4.37
N SER B 95 -16.43 -15.55 3.72
CA SER B 95 -17.45 -16.57 3.45
C SER B 95 -16.86 -17.72 2.65
N GLU B 96 -17.14 -18.94 3.13
CA GLU B 96 -16.60 -20.14 2.51
C GLU B 96 -17.46 -20.59 1.34
N GLU B 97 -18.73 -20.16 1.35
CA GLU B 97 -19.62 -20.39 0.21
C GLU B 97 -19.36 -19.36 -0.88
N GLY B 98 -19.13 -18.11 -0.45
CA GLY B 98 -19.03 -17.00 -1.38
C GLY B 98 -20.38 -16.72 -1.99
N GLY B 99 -20.38 -16.11 -3.18
CA GLY B 99 -21.59 -15.97 -3.96
C GLY B 99 -22.70 -15.25 -3.22
N HIS B 100 -23.88 -15.87 -3.19
CA HIS B 100 -25.06 -15.29 -2.56
C HIS B 100 -24.81 -14.98 -1.08
N ASP B 101 -24.01 -15.82 -0.44
CA ASP B 101 -23.72 -15.66 0.99
C ASP B 101 -22.89 -14.41 1.24
N SER B 102 -21.96 -14.11 0.33
CA SER B 102 -21.14 -12.91 0.45
C SER B 102 -21.96 -11.66 0.19
N VAL B 103 -22.78 -11.69 -0.86
CA VAL B 103 -23.65 -10.57 -1.20
C VAL B 103 -24.62 -10.25 -0.06
N ALA B 104 -25.14 -11.30 0.57
CA ALA B 104 -26.05 -11.14 1.69
C ALA B 104 -25.36 -10.39 2.84
N TRP B 105 -24.15 -10.81 3.18
CA TRP B 105 -23.38 -10.14 4.21
C TRP B 105 -23.04 -8.70 3.82
N PHE B 106 -22.66 -8.50 2.57
CA PHE B 106 -22.31 -7.18 2.07
C PHE B 106 -23.51 -6.25 2.14
N GLU B 107 -24.68 -6.79 1.80
CA GLU B 107 -25.91 -6.00 1.80
C GLU B 107 -26.26 -5.55 3.21
N ARG B 108 -26.12 -6.46 4.17
CA ARG B 108 -26.33 -6.12 5.57
C ARG B 108 -25.39 -5.00 6.00
N GLY B 109 -24.16 -5.06 5.49
CA GLY B 109 -23.16 -4.04 5.82
C GLY B 109 -23.48 -2.71 5.19
N ALA B 110 -23.94 -2.76 3.94
CA ALA B 110 -24.34 -1.55 3.22
C ALA B 110 -25.52 -0.88 3.92
N THR B 111 -26.47 -1.68 4.39
CA THR B 111 -27.64 -1.16 5.09
C THR B 111 -27.24 -0.35 6.33
N VAL B 112 -26.33 -0.90 7.13
CA VAL B 112 -25.85 -0.22 8.33
C VAL B 112 -25.16 1.08 7.95
N LEU B 113 -24.29 1.01 6.94
CA LEU B 113 -23.56 2.19 6.47
C LEU B 113 -24.50 3.30 5.98
N ARG B 114 -25.49 2.94 5.18
CA ARG B 114 -26.42 3.93 4.64
C ARG B 114 -27.19 4.65 5.73
N ALA B 115 -27.56 3.93 6.78
CA ALA B 115 -28.26 4.52 7.92
C ALA B 115 -27.37 5.48 8.69
N GLN B 116 -26.11 5.10 8.88
CA GLN B 116 -25.14 5.95 9.56
C GLN B 116 -24.87 7.23 8.76
N ILE B 117 -24.71 7.08 7.45
CA ILE B 117 -24.57 8.22 6.55
C ILE B 117 -25.75 9.17 6.72
N GLN B 118 -26.96 8.62 6.68
CA GLN B 118 -28.17 9.42 6.80
C GLN B 118 -28.28 10.10 8.16
N SER B 119 -27.77 9.43 9.20
CA SER B 119 -27.78 9.98 10.54
C SER B 119 -26.80 11.13 10.68
N LEU B 120 -25.62 11.00 10.07
CA LEU B 120 -24.62 12.06 10.11
C LEU B 120 -25.13 13.31 9.39
N ASP B 122 -28.32 14.24 9.13
CA ASP B 122 -29.33 14.88 9.97
C ASP B 122 -28.63 15.64 11.09
N SER B 123 -27.53 15.08 11.58
CA SER B 123 -26.73 15.72 12.61
C SER B 123 -26.01 16.95 12.06
N LEU B 124 -25.96 17.05 10.74
CA LEU B 124 -25.26 18.16 10.08
C LEU B 124 -26.11 19.43 10.09
N GLU B 125 -27.40 19.28 9.79
CA GLU B 125 -28.34 20.41 9.80
C GLU B 125 -28.68 20.78 11.24
N GLN B 126 -28.62 19.79 12.14
CA GLN B 126 -28.62 20.05 13.57
C GLN B 126 -27.30 20.74 13.88
N ARG B 127 -27.30 21.66 14.84
CA ARG B 127 -26.10 22.43 15.13
C ARG B 127 -24.96 21.49 15.52
N PRO B 128 -23.92 21.40 14.67
CA PRO B 128 -22.86 20.43 14.93
C PRO B 128 -21.73 21.04 15.75
N LEU B 129 -20.91 20.19 16.37
CA LEU B 129 -19.73 20.66 17.08
C LEU B 129 -18.73 21.16 16.05
N SER B 130 -18.63 20.44 14.93
CA SER B 130 -17.80 20.85 13.81
C SER B 130 -18.37 20.34 12.48
N ARG B 131 -18.81 21.27 11.63
CA ARG B 131 -19.32 20.91 10.31
C ARG B 131 -18.29 20.15 9.49
N GLY B 132 -17.02 20.53 9.64
CA GLY B 132 -15.94 19.89 8.93
C GLY B 132 -15.73 18.44 9.35
N GLN B 133 -15.90 18.18 10.64
CA GLN B 133 -15.75 16.83 11.18
C GLN B 133 -16.82 15.90 10.62
N VAL B 134 -18.06 16.37 10.58
CA VAL B 134 -19.17 15.57 10.11
C VAL B 134 -19.03 15.26 8.62
N GLU B 135 -18.72 16.27 7.83
CA GLU B 135 -18.53 16.10 6.39
C GLU B 135 -17.41 15.11 6.11
N ALA B 136 -16.37 15.14 6.95
CA ALA B 136 -15.27 14.21 6.83
C ALA B 136 -15.73 12.81 7.17
N ALA B 137 -16.53 12.70 8.23
CA ALA B 137 -17.06 11.42 8.67
C ALA B 137 -18.02 10.86 7.61
N ILE B 138 -18.84 11.74 7.04
CA ILE B 138 -19.75 11.37 5.96
C ILE B 138 -18.97 10.85 4.76
N ALA B 139 -17.89 11.55 4.42
CA ALA B 139 -17.05 11.18 3.29
C ALA B 139 -16.48 9.78 3.50
N ASP B 140 -15.89 9.56 4.67
CA ASP B 140 -15.34 8.26 5.04
C ASP B 140 -16.37 7.17 4.88
N LYS B 141 -17.57 7.42 5.42
CA LYS B 141 -18.64 6.44 5.39
C LYS B 141 -19.12 6.14 3.97
N ARG B 142 -19.25 7.18 3.14
CA ARG B 142 -19.70 7.02 1.77
C ARG B 142 -18.68 6.23 0.95
N ARG B 143 -17.41 6.41 1.27
CA ARG B 143 -16.34 5.69 0.58
C ARG B 143 -16.35 4.22 0.94
N ARG B 144 -16.58 3.90 2.22
CA ARG B 144 -16.70 2.52 2.65
C ARG B 144 -17.89 1.86 1.99
N LEU B 145 -18.98 2.62 1.85
CA LEU B 145 -20.18 2.12 1.19
C LEU B 145 -19.91 1.88 -0.29
N ALA B 146 -19.24 2.84 -0.94
CA ALA B 146 -18.92 2.73 -2.36
C ALA B 146 -18.06 1.49 -2.60
N GLU B 147 -17.10 1.28 -1.72
CA GLU B 147 -16.23 0.10 -1.80
C GLU B 147 -17.03 -1.19 -1.58
N THR B 148 -18.09 -1.10 -0.79
CA THR B 148 -18.93 -2.27 -0.52
C THR B 148 -19.73 -2.64 -1.77
N LEU B 149 -20.24 -1.62 -2.46
CA LEU B 149 -21.01 -1.86 -3.66
C LEU B 149 -20.09 -2.46 -4.72
N CYS B 150 -18.86 -1.93 -4.79
CA CYS B 150 -17.86 -2.45 -5.71
C CYS B 150 -17.52 -3.88 -5.37
N ALA B 151 -17.46 -4.20 -4.09
CA ALA B 151 -17.17 -5.56 -3.67
C ALA B 151 -18.25 -6.51 -4.21
N VAL B 152 -19.50 -6.05 -4.20
CA VAL B 152 -20.62 -6.85 -4.70
C VAL B 152 -20.55 -7.01 -6.22
N VAL B 153 -20.17 -5.94 -6.91
CA VAL B 153 -19.95 -5.99 -8.35
C VAL B 153 -19.02 -7.13 -8.72
N GLU B 154 -17.93 -7.26 -7.97
CA GLU B 154 -16.89 -8.24 -8.25
C GLU B 154 -17.36 -9.68 -7.97
N VAL B 155 -18.29 -9.85 -7.04
CA VAL B 155 -18.89 -11.16 -6.81
C VAL B 155 -19.73 -11.57 -8.02
N TYR B 156 -20.45 -10.61 -8.59
CA TYR B 156 -21.32 -10.89 -9.73
C TYR B 156 -20.54 -11.10 -11.02
N THR B 158 -17.65 -12.81 -10.79
CA THR B 158 -16.97 -14.06 -10.52
C THR B 158 -17.95 -15.13 -10.05
N ASP B 159 -18.15 -15.24 -8.73
CA ASP B 159 -18.97 -16.31 -8.15
C ASP B 159 -20.37 -16.44 -8.79
N LEU B 160 -21.03 -15.30 -9.01
CA LEU B 160 -22.41 -15.28 -9.49
C LEU B 160 -22.50 -14.78 -10.94
N SER B 161 -21.42 -14.94 -11.69
CA SER B 161 -21.40 -14.53 -13.09
C SER B 161 -22.37 -15.32 -13.98
N TRP B 162 -22.90 -16.42 -13.47
CA TRP B 162 -23.88 -17.22 -14.22
C TRP B 162 -25.30 -16.70 -14.03
N GLU B 163 -25.47 -15.69 -13.20
CA GLU B 163 -26.78 -15.09 -12.98
C GLU B 163 -27.19 -14.27 -14.21
N ASP B 164 -28.46 -14.39 -14.58
CA ASP B 164 -28.97 -13.70 -15.76
C ASP B 164 -29.00 -12.19 -15.58
N ASP B 165 -29.34 -11.74 -14.36
CA ASP B 165 -29.39 -10.32 -14.05
C ASP B 165 -28.07 -9.84 -13.46
N ALA B 166 -26.97 -10.48 -13.86
CA ALA B 166 -25.65 -10.13 -13.36
C ALA B 166 -25.24 -8.75 -13.85
N GLU B 167 -25.39 -8.49 -15.14
CA GLU B 167 -24.98 -7.22 -15.71
C GLU B 167 -25.86 -6.08 -15.21
N GLN B 168 -27.14 -6.36 -15.04
CA GLN B 168 -28.11 -5.37 -14.58
C GLN B 168 -27.77 -4.91 -13.15
N ARG B 169 -27.53 -5.87 -12.27
CA ARG B 169 -27.19 -5.58 -10.89
C ARG B 169 -25.89 -4.79 -10.78
N CYS B 170 -24.90 -5.15 -11.58
CA CYS B 170 -23.62 -4.43 -11.61
C CYS B 170 -23.83 -2.98 -12.05
N GLU B 171 -24.64 -2.78 -13.10
CA GLU B 171 -24.91 -1.45 -13.60
C GLU B 171 -25.56 -0.56 -12.54
N ALA B 172 -26.39 -1.15 -11.68
CA ALA B 172 -27.08 -0.40 -10.65
C ALA B 172 -26.11 -0.04 -9.53
N LEU B 173 -25.18 -0.94 -9.26
CA LEU B 173 -24.20 -0.73 -8.21
C LEU B 173 -23.24 0.39 -8.56
N ILE B 174 -22.74 0.42 -9.80
CA ILE B 174 -21.74 1.42 -10.18
C ILE B 174 -22.35 2.80 -10.40
N THR B 175 -23.64 2.86 -10.71
CA THR B 175 -24.33 4.15 -10.82
C THR B 175 -24.45 4.79 -9.43
N GLU B 176 -24.86 4.00 -8.44
CA GLU B 176 -24.95 4.49 -7.07
C GLU B 176 -23.56 4.85 -6.51
N ALA B 177 -22.55 4.03 -6.82
CA ALA B 177 -21.21 4.25 -6.28
C ALA B 177 -20.57 5.53 -6.83
N THR B 178 -20.77 5.80 -8.12
CA THR B 178 -20.25 7.02 -8.73
C THR B 178 -21.00 8.24 -8.23
N ILE B 180 -22.23 8.57 -5.03
CA ILE B 180 -21.88 8.85 -3.63
C ILE B 180 -20.40 9.15 -3.43
N ALA B 181 -19.56 8.68 -4.35
CA ALA B 181 -18.11 8.87 -4.23
C ALA B 181 -17.42 9.04 -5.58
N PRO B 182 -17.77 10.10 -6.32
CA PRO B 182 -17.16 10.34 -7.64
C PRO B 182 -15.69 10.76 -7.55
N GLU B 183 -15.23 11.04 -6.33
CA GLU B 183 -13.86 11.49 -6.10
C GLU B 183 -12.95 10.36 -5.65
N TRP B 184 -13.53 9.16 -5.53
CA TRP B 184 -12.80 8.00 -5.03
C TRP B 184 -12.34 7.14 -6.21
N PRO B 185 -11.02 6.86 -6.32
CA PRO B 185 -10.51 6.10 -7.47
C PRO B 185 -11.12 4.72 -7.68
N GLU B 186 -11.49 4.02 -6.61
CA GLU B 186 -11.99 2.66 -6.70
C GLU B 186 -13.34 2.57 -7.40
N THR B 187 -14.13 3.63 -7.33
CA THR B 187 -15.43 3.62 -7.98
C THR B 187 -15.24 3.57 -9.49
N TRP B 188 -14.32 4.39 -9.99
CA TRP B 188 -14.09 4.49 -11.43
C TRP B 188 -13.28 3.30 -11.93
N GLN B 189 -12.47 2.74 -11.04
CA GLN B 189 -11.77 1.50 -11.31
C GLN B 189 -12.80 0.40 -11.58
N THR B 190 -13.85 0.39 -10.76
CA THR B 190 -14.88 -0.64 -10.85
C THR B 190 -15.78 -0.41 -12.04
N VAL B 191 -15.97 0.86 -12.40
CA VAL B 191 -16.73 1.19 -13.60
C VAL B 191 -15.99 0.60 -14.80
N ALA B 192 -14.67 0.74 -14.82
CA ALA B 192 -13.86 0.22 -15.92
C ALA B 192 -13.95 -1.29 -16.00
N ASN B 193 -13.91 -1.94 -14.83
CA ASN B 193 -14.01 -3.39 -14.74
C ASN B 193 -15.24 -3.88 -15.48
N VAL B 194 -16.37 -3.28 -15.16
CA VAL B 194 -17.64 -3.60 -15.83
C VAL B 194 -17.57 -3.35 -17.33
N ARG B 195 -17.14 -2.15 -17.71
CA ARG B 195 -17.04 -1.75 -19.11
C ARG B 195 -16.25 -2.77 -19.97
N ILE B 196 -15.10 -3.20 -19.46
CA ILE B 196 -14.26 -4.18 -20.15
C ILE B 196 -15.07 -5.42 -20.50
N SER B 197 -15.78 -5.95 -19.51
CA SER B 197 -16.61 -7.12 -19.73
C SER B 197 -17.86 -6.82 -20.56
N GLN B 198 -18.10 -5.54 -20.83
CA GLN B 198 -19.19 -5.14 -21.71
C GLN B 198 -18.67 -4.83 -23.11
N GLU B 199 -17.40 -5.15 -23.35
CA GLU B 199 -16.77 -4.89 -24.64
C GLU B 199 -16.79 -3.39 -24.95
N ARG B 200 -16.77 -2.57 -23.91
CA ARG B 200 -16.67 -1.12 -24.06
C ARG B 200 -15.29 -0.64 -23.62
N THR B 201 -14.32 -0.83 -24.51
CA THR B 201 -12.92 -0.62 -24.17
C THR B 201 -12.57 0.86 -24.00
N GLU B 202 -13.09 1.71 -24.88
CA GLU B 202 -12.72 3.11 -24.83
C GLU B 202 -13.25 3.76 -23.56
N GLU B 203 -14.47 3.39 -23.16
CA GLU B 203 -15.04 3.92 -21.93
C GLU B 203 -14.29 3.36 -20.72
N ALA B 204 -13.75 2.15 -20.85
CA ALA B 204 -12.94 1.57 -19.79
C ALA B 204 -11.67 2.39 -19.59
N ARG B 205 -11.02 2.76 -20.70
CA ARG B 205 -9.82 3.58 -20.65
C ARG B 205 -10.13 4.94 -20.03
N GLU B 206 -11.25 5.52 -20.47
CA GLU B 206 -11.71 6.80 -19.97
C GLU B 206 -11.89 6.77 -18.45
N ALA B 207 -12.48 5.70 -17.95
CA ALA B 207 -12.73 5.53 -16.52
C ALA B 207 -11.42 5.38 -15.74
N LEU B 208 -10.51 4.57 -16.28
CA LEU B 208 -9.25 4.31 -15.60
C LEU B 208 -8.37 5.56 -15.54
N ARG B 209 -8.38 6.33 -16.63
CA ARG B 209 -7.64 7.59 -16.70
C ARG B 209 -8.18 8.55 -15.65
N ARG B 210 -9.47 8.44 -15.35
CA ARG B 210 -10.09 9.29 -14.36
C ARG B 210 -9.70 8.90 -12.94
N SER B 211 -9.68 7.59 -12.67
CA SER B 211 -9.32 7.09 -11.36
C SER B 211 -7.88 7.44 -11.02
N LEU B 212 -7.01 7.37 -12.02
CA LEU B 212 -5.60 7.68 -11.83
C LEU B 212 -5.40 9.17 -11.52
N GLY B 213 -6.19 10.02 -12.18
CA GLY B 213 -6.08 11.45 -11.99
C GLY B 213 -6.47 11.91 -10.60
N LEU B 214 -6.98 10.98 -9.78
CA LEU B 214 -7.42 11.30 -8.44
C LEU B 214 -6.39 10.97 -7.36
N TRP B 215 -5.27 10.36 -7.75
CA TRP B 215 -4.27 9.96 -6.75
C TRP B 215 -2.80 9.95 -7.20
N THR B 216 -2.54 9.82 -8.50
CA THR B 216 -1.16 9.68 -8.97
C THR B 216 -0.31 10.90 -8.64
N HIS B 217 -0.96 12.04 -8.45
CA HIS B 217 -0.28 13.29 -8.16
C HIS B 217 -0.13 13.53 -6.65
N LEU B 218 -0.71 12.65 -5.84
CA LEU B 218 -0.66 12.79 -4.39
C LEU B 218 0.67 12.31 -3.82
N PRO B 219 1.05 12.80 -2.62
CA PRO B 219 2.21 12.22 -1.94
C PRO B 219 1.92 10.79 -1.50
N PRO B 220 2.95 9.92 -1.48
CA PRO B 220 2.75 8.47 -1.38
C PRO B 220 2.01 7.96 -0.14
N GLU B 221 1.97 8.78 0.91
N GLU B 221 1.98 8.72 0.96
CA GLU B 221 1.36 8.39 2.18
CA GLU B 221 1.26 8.27 2.16
C GLU B 221 -0.02 9.01 2.37
C GLU B 221 -0.01 9.08 2.41
N ASP B 222 -0.45 9.84 1.43
CA ASP B 222 -1.72 10.54 1.53
C ASP B 222 -2.86 9.53 1.61
N PRO B 223 -3.87 9.80 2.46
CA PRO B 223 -5.01 8.88 2.58
C PRO B 223 -5.79 8.69 1.28
N GLY B 224 -5.54 9.53 0.28
CA GLY B 224 -6.22 9.42 -1.01
C GLY B 224 -5.67 8.34 -1.92
N VAL B 225 -4.50 7.79 -1.59
CA VAL B 225 -3.86 6.77 -2.40
C VAL B 225 -4.47 5.40 -2.10
N PRO B 226 -4.96 4.69 -3.12
CA PRO B 226 -5.62 3.40 -2.87
C PRO B 226 -4.71 2.35 -2.27
N PRO B 227 -5.27 1.43 -1.46
CA PRO B 227 -4.45 0.38 -0.85
C PRO B 227 -3.75 -0.50 -1.90
N PHE B 228 -2.64 -1.10 -1.48
CA PHE B 228 -1.84 -1.99 -2.31
C PHE B 228 -2.67 -3.00 -3.10
N PRO B 229 -3.50 -3.82 -2.42
CA PRO B 229 -4.23 -4.85 -3.17
C PRO B 229 -5.14 -4.27 -4.24
N SER B 230 -5.69 -3.10 -3.96
CA SER B 230 -6.56 -2.41 -4.90
C SER B 230 -5.77 -1.94 -6.12
N ARG B 231 -4.50 -1.61 -5.93
CA ARG B 231 -3.65 -1.14 -7.03
C ARG B 231 -3.12 -2.31 -7.86
N VAL B 232 -3.11 -3.50 -7.29
CA VAL B 232 -2.78 -4.69 -8.04
C VAL B 232 -3.88 -4.93 -9.07
N SER B 233 -5.12 -4.90 -8.61
CA SER B 233 -6.28 -5.04 -9.48
C SER B 233 -6.24 -4.01 -10.60
N LEU B 234 -5.81 -2.80 -10.24
CA LEU B 234 -5.70 -1.72 -11.20
C LEU B 234 -4.74 -2.08 -12.35
N VAL B 235 -3.57 -2.62 -11.99
CA VAL B 235 -2.58 -2.97 -13.00
C VAL B 235 -3.13 -3.98 -14.01
N ARG B 236 -3.92 -4.93 -13.52
CA ARG B 236 -4.52 -5.94 -14.38
C ARG B 236 -5.49 -5.27 -15.36
N LEU B 237 -6.24 -4.30 -14.87
CA LEU B 237 -7.15 -3.53 -15.72
C LEU B 237 -6.39 -2.72 -16.76
N LEU B 238 -5.25 -2.16 -16.37
CA LEU B 238 -4.45 -1.31 -17.26
C LEU B 238 -3.80 -2.08 -18.41
N ILE B 239 -3.31 -3.28 -18.11
CA ILE B 239 -2.70 -4.12 -19.14
C ILE B 239 -3.80 -4.65 -20.07
N GLU B 240 -4.96 -4.92 -19.49
CA GLU B 240 -6.11 -5.42 -20.23
C GLU B 240 -6.49 -4.48 -21.37
N VAL B 241 -6.59 -3.19 -21.07
CA VAL B 241 -7.05 -2.20 -22.05
C VAL B 241 -5.91 -1.37 -22.64
N ASP B 242 -4.71 -1.96 -22.67
CA ASP B 242 -3.58 -1.42 -23.43
C ASP B 242 -3.05 -0.08 -22.94
N GLU B 244 -0.23 0.14 -20.90
CA GLU B 244 0.94 -0.43 -20.26
C GLU B 244 1.85 0.67 -19.71
N GLU B 245 1.91 1.79 -20.42
CA GLU B 245 2.74 2.92 -19.99
C GLU B 245 2.33 3.37 -18.59
N GLU B 246 1.03 3.44 -18.35
CA GLU B 246 0.53 3.79 -17.02
C GLU B 246 0.79 2.66 -16.04
N ALA B 247 0.66 1.42 -16.50
CA ALA B 247 0.89 0.26 -15.64
C ALA B 247 2.34 0.21 -15.16
N LEU B 248 3.26 0.66 -16.01
CA LEU B 248 4.68 0.67 -15.66
C LEU B 248 4.97 1.57 -14.45
N GLU B 249 4.35 2.75 -14.44
CA GLU B 249 4.52 3.69 -13.34
C GLU B 249 3.89 3.14 -12.06
N VAL B 250 2.70 2.59 -12.16
CA VAL B 250 2.02 2.01 -11.01
C VAL B 250 2.80 0.82 -10.43
N THR B 251 3.33 -0.04 -11.29
CA THR B 251 4.08 -1.21 -10.81
C THR B 251 5.41 -0.82 -10.17
N GLU B 252 5.99 0.30 -10.61
CA GLU B 252 7.26 0.74 -10.05
C GLU B 252 7.08 1.30 -8.64
N ARG B 253 5.99 2.06 -8.44
CA ARG B 253 5.64 2.55 -7.11
C ARG B 253 5.36 1.39 -6.16
N LEU B 254 4.61 0.40 -6.65
CA LEU B 254 4.25 -0.74 -5.82
C LEU B 254 5.49 -1.48 -5.32
N ILE B 255 6.48 -1.67 -6.19
CA ILE B 255 7.72 -2.36 -5.83
C ILE B 255 8.56 -1.51 -4.89
N ALA B 256 8.40 -0.20 -4.96
CA ALA B 256 9.08 0.69 -4.04
C ALA B 256 8.49 0.58 -2.62
N GLU B 257 7.34 -0.09 -2.49
CA GLU B 257 6.65 -0.25 -1.21
C GLU B 257 6.75 -1.68 -0.65
N ASP B 258 6.83 -2.66 -1.55
CA ASP B 258 7.03 -4.06 -1.17
C ASP B 258 7.67 -4.84 -2.32
N ASP B 259 8.98 -5.03 -2.24
CA ASP B 259 9.72 -5.69 -3.31
C ASP B 259 9.77 -7.20 -3.11
N LEU B 260 9.00 -7.69 -2.14
CA LEU B 260 8.82 -9.13 -1.96
C LEU B 260 7.46 -9.60 -2.51
N SER B 261 6.86 -8.76 -3.35
CA SER B 261 5.57 -9.08 -3.95
C SER B 261 5.74 -9.80 -5.28
N VAL B 262 5.60 -11.11 -5.24
CA VAL B 262 5.80 -11.95 -6.42
C VAL B 262 4.90 -11.49 -7.57
N GLU B 263 3.63 -11.30 -7.25
CA GLU B 263 2.62 -11.00 -8.25
C GLU B 263 2.87 -9.65 -8.92
N VAL B 264 3.49 -8.73 -8.20
CA VAL B 264 3.78 -7.42 -8.77
C VAL B 264 5.01 -7.46 -9.67
N TRP B 265 6.00 -8.28 -9.34
CA TRP B 265 7.15 -8.44 -10.22
C TRP B 265 6.68 -9.04 -11.54
N TYR B 266 5.77 -9.99 -11.45
CA TYR B 266 5.20 -10.62 -12.63
C TYR B 266 4.42 -9.61 -13.48
N LEU B 267 3.51 -8.88 -12.86
CA LEU B 267 2.69 -7.93 -13.59
C LEU B 267 3.54 -6.86 -14.27
N GLY B 268 4.58 -6.40 -13.59
CA GLY B 268 5.47 -5.40 -14.14
C GLY B 268 6.28 -5.96 -15.30
N GLY B 269 6.71 -7.20 -15.15
CA GLY B 269 7.42 -7.89 -16.20
C GLY B 269 6.54 -8.13 -17.42
N TYR B 270 5.30 -8.52 -17.17
CA TYR B 270 4.37 -8.80 -18.25
C TYR B 270 3.95 -7.52 -18.96
N ALA B 271 3.72 -6.47 -18.16
CA ALA B 271 3.35 -5.18 -18.74
C ALA B 271 4.46 -4.68 -19.65
N ARG B 272 5.70 -4.96 -19.29
CA ARG B 272 6.84 -4.50 -20.06
C ARG B 272 7.05 -5.38 -21.28
N TYR B 273 6.69 -6.66 -21.15
CA TYR B 273 6.74 -7.60 -22.28
C TYR B 273 5.72 -7.20 -23.35
N ARG B 274 4.51 -6.89 -22.90
CA ARG B 274 3.43 -6.47 -23.80
C ARG B 274 3.81 -5.18 -24.49
N LEU B 275 4.35 -4.25 -23.72
CA LEU B 275 4.78 -2.96 -24.25
C LEU B 275 5.86 -3.16 -25.32
N GLY B 276 6.74 -4.13 -25.08
CA GLY B 276 7.82 -4.41 -26.01
C GLY B 276 7.30 -4.99 -27.32
N GLU B 277 6.26 -5.81 -27.23
CA GLU B 277 5.65 -6.38 -28.43
C GLU B 277 5.11 -5.26 -29.32
N LYS B 278 4.42 -4.31 -28.71
CA LYS B 278 3.83 -3.19 -29.46
C LYS B 278 4.91 -2.35 -30.13
N GLU B 279 5.88 -1.90 -29.34
CA GLU B 279 6.98 -1.08 -29.86
C GLU B 279 7.72 -1.80 -30.98
N ARG B 280 7.81 -3.12 -30.85
CA ARG B 280 8.51 -3.93 -31.84
C ARG B 280 7.73 -3.99 -33.17
N GLU B 281 6.41 -4.11 -33.10
CA GLU B 281 5.58 -4.13 -34.30
C GLU B 281 5.63 -2.79 -35.01
N ALA B 282 5.71 -1.72 -34.22
CA ALA B 282 5.77 -0.36 -34.74
C ALA B 282 7.21 0.07 -35.03
N SER B 283 8.14 -0.87 -34.90
CA SER B 283 9.57 -0.58 -35.04
C SER B 283 9.93 0.00 -36.41
N GLY B 284 9.24 -0.45 -37.45
CA GLY B 284 9.51 0.01 -38.79
C GLY B 284 9.11 1.46 -38.97
N GLN B 285 8.04 1.85 -38.30
CA GLN B 285 7.51 3.21 -38.38
C GLN B 285 8.10 4.09 -37.28
N ALA B 286 8.76 3.48 -36.30
CA ALA B 286 9.31 4.20 -35.16
C ALA B 286 10.62 4.90 -35.49
N SER B 287 10.98 5.86 -34.65
CA SER B 287 12.23 6.61 -34.80
C SER B 287 13.39 5.81 -34.22
N GLU B 288 13.18 5.24 -33.03
CA GLU B 288 14.14 4.33 -32.41
C GLU B 288 13.72 2.90 -32.70
N PRO B 289 14.30 2.28 -33.74
CA PRO B 289 13.87 0.91 -34.09
C PRO B 289 14.33 -0.13 -33.08
N GLU B 290 15.20 0.26 -32.15
CA GLU B 290 15.80 -0.68 -31.20
C GLU B 290 15.26 -0.49 -29.79
N ALA B 291 14.35 0.47 -29.62
CA ALA B 291 13.84 0.81 -28.29
C ALA B 291 13.16 -0.38 -27.62
N TRP B 292 12.52 -1.22 -28.43
CA TRP B 292 11.77 -2.35 -27.91
C TRP B 292 12.67 -3.37 -27.24
N LYS B 293 13.91 -3.48 -27.71
CA LYS B 293 14.87 -4.41 -27.13
C LYS B 293 15.18 -4.05 -25.68
N ASP B 294 15.37 -2.75 -25.42
CA ASP B 294 15.62 -2.28 -24.06
C ASP B 294 14.39 -2.48 -23.18
N THR B 295 13.21 -2.36 -23.79
CA THR B 295 11.96 -2.56 -23.05
C THR B 295 11.80 -4.04 -22.67
N TRP B 296 12.24 -4.94 -23.55
CA TRP B 296 12.18 -6.36 -23.27
C TRP B 296 13.29 -6.79 -22.32
N ARG B 297 14.39 -6.05 -22.32
CA ARG B 297 15.48 -6.34 -21.39
C ARG B 297 15.00 -6.13 -19.95
N SER B 298 14.35 -5.01 -19.70
CA SER B 298 13.79 -4.73 -18.37
C SER B 298 12.68 -5.71 -18.03
N SER B 299 11.93 -6.15 -19.04
CA SER B 299 10.90 -7.15 -18.81
C SER B 299 11.54 -8.41 -18.26
N ARG B 300 12.66 -8.80 -18.86
CA ARG B 300 13.41 -9.97 -18.42
C ARG B 300 13.91 -9.82 -16.98
N LYS B 301 14.37 -8.61 -16.65
CA LYS B 301 14.90 -8.33 -15.31
C LYS B 301 13.81 -8.46 -14.26
N TRP B 302 12.62 -7.96 -14.57
CA TRP B 302 11.49 -8.06 -13.67
C TRP B 302 11.08 -9.52 -13.47
N LEU B 303 11.08 -10.30 -14.56
CA LEU B 303 10.63 -11.68 -14.50
C LEU B 303 11.65 -12.58 -13.82
N ARG B 304 12.93 -12.31 -14.07
CA ARG B 304 13.99 -13.01 -13.36
C ARG B 304 13.82 -12.78 -11.87
N GLN B 305 13.59 -11.52 -11.51
CA GLN B 305 13.44 -11.14 -10.12
C GLN B 305 12.17 -11.74 -9.53
N CYS B 306 11.15 -11.91 -10.36
CA CYS B 306 9.91 -12.54 -9.92
C CYS B 306 10.20 -13.97 -9.47
N LEU B 307 10.87 -14.74 -10.32
CA LEU B 307 11.19 -16.13 -10.01
C LEU B 307 12.13 -16.23 -8.81
N LYS B 308 13.01 -15.25 -8.66
CA LYS B 308 13.95 -15.23 -7.57
C LYS B 308 13.17 -15.14 -6.24
N VAL B 309 12.34 -14.09 -6.13
CA VAL B 309 11.50 -13.90 -4.95
C VAL B 309 10.50 -15.05 -4.79
N PHE B 310 10.09 -15.63 -5.92
CA PHE B 310 9.18 -16.78 -5.93
C PHE B 310 9.79 -17.93 -5.12
N GLU B 311 11.04 -18.27 -5.43
CA GLU B 311 11.78 -19.30 -4.71
C GLU B 311 11.97 -18.95 -3.23
N ALA B 312 12.46 -17.75 -2.97
CA ALA B 312 12.78 -17.30 -1.61
C ALA B 312 11.56 -17.32 -0.70
N GLU B 313 10.40 -16.95 -1.23
CA GLU B 313 9.18 -16.89 -0.44
C GLU B 313 8.42 -18.21 -0.44
N GLU B 314 8.89 -19.16 -1.24
CA GLU B 314 8.23 -20.47 -1.38
C GLU B 314 6.77 -20.26 -1.83
N TYR B 315 6.61 -19.46 -2.87
CA TYR B 315 5.29 -19.13 -3.41
C TYR B 315 4.60 -20.38 -3.95
N GLU B 316 3.27 -20.32 -4.05
CA GLU B 316 2.47 -21.48 -4.42
C GLU B 316 1.59 -21.27 -5.66
N ASP B 317 1.82 -20.18 -6.39
CA ASP B 317 1.12 -19.94 -7.65
C ASP B 317 1.93 -20.57 -8.78
N GLU B 318 1.78 -21.89 -8.95
CA GLU B 318 2.55 -22.63 -9.94
C GLU B 318 2.36 -22.12 -11.36
N ARG B 319 1.13 -21.81 -11.74
CA ARG B 319 0.85 -21.36 -13.11
C ARG B 319 1.54 -20.03 -13.44
N LEU B 320 1.60 -19.13 -12.45
CA LEU B 320 2.28 -17.85 -12.64
C LEU B 320 3.78 -18.07 -12.77
N GLY B 321 4.29 -19.02 -12.00
CA GLY B 321 5.71 -19.34 -12.02
C GLY B 321 6.14 -19.92 -13.34
N GLU B 322 5.32 -20.77 -13.93
CA GLU B 322 5.66 -21.38 -15.21
C GLU B 322 5.53 -20.38 -16.35
N HIS B 323 4.59 -19.45 -16.25
CA HIS B 323 4.41 -18.47 -17.30
C HIS B 323 5.57 -17.49 -17.36
N ALA B 324 6.07 -17.11 -16.20
CA ALA B 324 7.21 -16.21 -16.12
C ALA B 324 8.40 -16.84 -16.83
N LYS B 325 8.56 -18.15 -16.65
CA LYS B 325 9.62 -18.88 -17.33
C LYS B 325 9.43 -18.81 -18.85
N GLU B 326 8.20 -19.09 -19.32
CA GLU B 326 7.90 -19.07 -20.75
C GLU B 326 8.26 -17.71 -21.35
N LEU B 327 7.92 -16.64 -20.63
CA LEU B 327 8.15 -15.28 -21.10
C LEU B 327 9.63 -14.96 -21.21
N ILE B 328 10.43 -15.42 -20.25
CA ILE B 328 11.87 -15.20 -20.27
C ILE B 328 12.47 -15.96 -21.46
N ALA B 329 12.12 -17.23 -21.58
CA ALA B 329 12.62 -18.06 -22.67
C ALA B 329 12.26 -17.44 -24.02
N SER B 330 11.09 -16.82 -24.08
CA SER B 330 10.63 -16.15 -25.29
C SER B 330 11.47 -14.92 -25.63
N ILE B 331 11.69 -14.06 -24.65
CA ILE B 331 12.51 -12.86 -24.85
C ILE B 331 13.92 -13.24 -25.30
N ILE B 332 14.43 -14.35 -24.77
CA ILE B 332 15.77 -14.81 -25.10
C ILE B 332 15.89 -15.19 -26.57
N GLY B 333 14.89 -15.93 -27.06
CA GLY B 333 14.91 -16.39 -28.43
C GLY B 333 14.94 -15.25 -29.44
N GLU B 334 14.32 -14.12 -29.08
CA GLU B 334 14.23 -12.99 -29.99
C GLU B 334 15.38 -12.00 -29.81
N LEU B 335 16.26 -12.28 -28.86
CA LEU B 335 17.38 -11.38 -28.55
C LEU B 335 16.86 -9.98 -28.22
#